data_7BS7
#
_entry.id   7BS7
#
_cell.length_a   54.707
_cell.length_b   58.569
_cell.length_c   66.832
_cell.angle_alpha   90.000
_cell.angle_beta   90.000
_cell.angle_gamma   90.000
#
_symmetry.space_group_name_H-M   'P 21 21 21'
#
loop_
_entity.id
_entity.type
_entity.pdbx_description
1 polymer 'Cationic trypsin'
2 non-polymer 'CALCIUM ION'
3 non-polymer ANILINE
4 non-polymer 'DIMETHYL SULFOXIDE'
5 water water
#
_entity_poly.entity_id   1
_entity_poly.type   'polypeptide(L)'
_entity_poly.pdbx_seq_one_letter_code
;IVGGYTCGANTVPYQVSLNSGYHFCGGSLINSQWVVSAAHCYKSGIQVRLGEDNINVVEGNEQFISASKSIVHPSYNSNT
LNNDIMLIKLKSAASLNSRVASISLPTSCASAGTQCLISGWGNTKSSGTSYPDVLKCLKAPILSDSSCKSAYPGQITSNM
FCAGYLEGGKDSCQGDSGGPVVCSGKLQGIVSWGSGCAQKNKPGVYTKVCNYVSWIKQTIASN
;
_entity_poly.pdbx_strand_id   A
#
loop_
_chem_comp.id
_chem_comp.type
_chem_comp.name
_chem_comp.formula
ANL non-polymer ANILINE 'C6 H7 N'
CA non-polymer 'CALCIUM ION' 'Ca 2'
DMS non-polymer 'DIMETHYL SULFOXIDE' 'C2 H6 O S'
#
# COMPACT_ATOMS: atom_id res chain seq x y z
N ILE A 1 -3.98 10.08 2.49
CA ILE A 1 -4.28 10.50 1.12
C ILE A 1 -4.63 11.97 1.11
N VAL A 2 -3.87 12.77 0.35
CA VAL A 2 -4.13 14.19 0.18
C VAL A 2 -4.89 14.38 -1.14
N GLY A 3 -5.98 15.15 -1.10
CA GLY A 3 -6.70 15.46 -2.31
C GLY A 3 -7.53 14.32 -2.87
N GLY A 4 -7.84 13.33 -2.04
CA GLY A 4 -8.64 12.20 -2.44
C GLY A 4 -10.11 12.39 -2.10
N TYR A 5 -10.80 11.25 -1.99
CA TYR A 5 -12.23 11.23 -1.71
C TYR A 5 -12.51 10.06 -0.76
N THR A 6 -13.64 10.14 -0.07
CA THR A 6 -14.04 9.05 0.80
C THR A 6 -14.44 7.84 -0.04
N CYS A 7 -13.74 6.71 0.13
CA CYS A 7 -13.97 5.55 -0.72
C CYS A 7 -15.41 5.09 -0.66
N GLY A 8 -15.95 5.01 0.54
CA GLY A 8 -17.19 4.30 0.84
C GLY A 8 -16.86 3.01 1.58
N ALA A 9 -17.67 2.68 2.57
CA ALA A 9 -17.35 1.58 3.46
C ALA A 9 -17.21 0.26 2.69
N ASN A 10 -16.07 -0.39 2.87
CA ASN A 10 -15.82 -1.74 2.35
C ASN A 10 -15.82 -1.81 0.83
N THR A 11 -15.64 -0.68 0.15
CA THR A 11 -15.54 -0.69 -1.30
C THR A 11 -14.16 -1.05 -1.79
N VAL A 12 -13.17 -1.15 -0.90
CA VAL A 12 -11.81 -1.54 -1.20
C VAL A 12 -11.51 -2.77 -0.35
N PRO A 13 -12.06 -3.93 -0.71
CA PRO A 13 -12.15 -5.04 0.26
C PRO A 13 -10.84 -5.74 0.54
N TYR A 14 -9.80 -5.47 -0.26
CA TYR A 14 -8.47 -5.99 -0.03
C TYR A 14 -7.62 -5.08 0.85
N GLN A 15 -8.11 -3.88 1.18
CA GLN A 15 -7.33 -2.96 2.00
C GLN A 15 -7.34 -3.42 3.45
N VAL A 16 -6.16 -3.53 4.04
CA VAL A 16 -6.06 -3.85 5.46
C VAL A 16 -5.40 -2.69 6.20
N SER A 17 -5.67 -2.62 7.49
CA SER A 17 -4.98 -1.75 8.43
C SER A 17 -4.10 -2.62 9.31
N LEU A 18 -2.82 -2.25 9.42
CA LEU A 18 -1.91 -2.91 10.35
C LEU A 18 -1.95 -2.12 11.66
N ASN A 19 -2.21 -2.82 12.76
CA ASN A 19 -2.48 -2.19 14.04
C ASN A 19 -1.51 -2.74 15.09
N SER A 20 -0.85 -1.85 15.81
CA SER A 20 0.00 -2.23 16.93
C SER A 20 -0.39 -1.42 18.17
N GLY A 21 -1.69 -1.37 18.43
CA GLY A 21 -2.28 -0.47 19.41
C GLY A 21 -2.96 0.72 18.78
N TYR A 22 -2.75 0.91 17.47
CA TYR A 22 -3.17 2.04 16.65
C TYR A 22 -2.83 1.65 15.22
N HIS A 23 -3.55 2.25 14.27
CA HIS A 23 -3.20 2.07 12.86
C HIS A 23 -1.82 2.67 12.60
N PHE A 24 -0.94 1.93 11.93
CA PHE A 24 0.36 2.47 11.56
C PHE A 24 0.75 2.27 10.10
N CYS A 25 0.06 1.42 9.35
CA CYS A 25 0.39 1.17 7.96
C CYS A 25 -0.79 0.49 7.30
N GLY A 26 -0.86 0.61 5.99
CA GLY A 26 -1.77 -0.20 5.21
C GLY A 26 -1.11 -1.49 4.74
N GLY A 27 -1.92 -2.30 4.06
CA GLY A 27 -1.48 -3.53 3.43
C GLY A 27 -2.58 -4.01 2.52
N SER A 28 -2.29 -5.10 1.81
CA SER A 28 -3.21 -5.66 0.83
C SER A 28 -3.34 -7.16 1.06
N LEU A 29 -4.57 -7.64 1.18
CA LEU A 29 -4.83 -9.06 1.32
C LEU A 29 -4.67 -9.72 -0.05
N ILE A 30 -3.78 -10.71 -0.15
CA ILE A 30 -3.55 -11.39 -1.41
C ILE A 30 -4.02 -12.84 -1.44
N ASN A 31 -4.27 -13.46 -0.29
CA ASN A 31 -5.05 -14.69 -0.20
C ASN A 31 -5.59 -14.76 1.22
N SER A 32 -6.25 -15.87 1.57
CA SER A 32 -6.92 -15.90 2.87
C SER A 32 -5.94 -15.81 4.04
N GLN A 33 -4.66 -16.07 3.82
CA GLN A 33 -3.71 -16.13 4.92
C GLN A 33 -2.56 -15.13 4.83
N TRP A 34 -2.49 -14.32 3.78
CA TRP A 34 -1.30 -13.53 3.53
C TRP A 34 -1.63 -12.11 3.12
N VAL A 35 -0.85 -11.17 3.65
CA VAL A 35 -0.93 -9.75 3.36
C VAL A 35 0.42 -9.29 2.82
N VAL A 36 0.38 -8.41 1.82
CA VAL A 36 1.57 -7.72 1.32
C VAL A 36 1.57 -6.27 1.81
N SER A 37 2.72 -5.81 2.30
CA SER A 37 2.86 -4.43 2.76
C SER A 37 4.27 -3.97 2.40
N ALA A 38 4.65 -2.80 2.91
CA ALA A 38 5.99 -2.28 2.70
C ALA A 38 6.94 -2.80 3.77
N ALA A 39 8.18 -3.08 3.38
CA ALA A 39 9.19 -3.47 4.36
C ALA A 39 9.41 -2.39 5.42
N HIS A 40 9.26 -1.11 5.05
CA HIS A 40 9.46 -0.06 6.04
C HIS A 40 8.35 -0.06 7.10
N CYS A 41 7.29 -0.84 6.90
CA CYS A 41 6.26 -1.03 7.90
C CYS A 41 6.58 -2.14 8.90
N TYR A 42 7.72 -2.81 8.76
CA TYR A 42 8.02 -3.93 9.65
C TYR A 42 8.07 -3.47 11.11
N LYS A 43 7.47 -4.26 11.97
CA LYS A 43 7.64 -4.16 13.42
C LYS A 43 7.04 -5.43 14.01
N SER A 44 7.27 -5.63 15.30
N SER A 44 7.27 -5.64 15.29
CA SER A 44 6.65 -6.73 16.02
CA SER A 44 6.66 -6.73 16.03
C SER A 44 5.28 -6.33 16.54
C SER A 44 5.26 -6.34 16.51
N GLY A 45 4.50 -7.34 16.92
CA GLY A 45 3.19 -7.10 17.51
C GLY A 45 2.13 -6.59 16.57
N ILE A 46 2.08 -7.12 15.35
CA ILE A 46 1.13 -6.65 14.35
C ILE A 46 -0.16 -7.46 14.45
N GLN A 47 -1.28 -6.73 14.53
CA GLN A 47 -2.60 -7.30 14.31
C GLN A 47 -3.13 -6.76 12.98
N VAL A 48 -3.53 -7.67 12.10
CA VAL A 48 -4.10 -7.29 10.82
C VAL A 48 -5.58 -7.06 10.98
N ARG A 49 -6.08 -5.93 10.52
CA ARG A 49 -7.48 -5.57 10.64
C ARG A 49 -8.07 -5.49 9.24
N LEU A 50 -8.92 -6.44 8.93
CA LEU A 50 -9.61 -6.56 7.65
C LEU A 50 -11.03 -6.06 7.78
N GLY A 51 -11.64 -5.71 6.66
CA GLY A 51 -13.03 -5.26 6.68
C GLY A 51 -13.26 -3.92 7.33
N GLU A 52 -12.22 -3.09 7.43
CA GLU A 52 -12.33 -1.80 8.11
C GLU A 52 -12.85 -0.71 7.19
N ASP A 53 -13.69 0.17 7.74
CA ASP A 53 -13.87 1.50 7.20
C ASP A 53 -13.41 2.53 8.23
N ASN A 54 -14.24 2.83 9.23
CA ASN A 54 -13.81 3.69 10.32
C ASN A 54 -12.91 2.87 11.24
N ILE A 55 -11.64 3.22 11.32
CA ILE A 55 -10.68 2.45 12.12
C ILE A 55 -10.83 2.68 13.62
N ASN A 56 -11.67 3.63 14.02
CA ASN A 56 -11.90 3.92 15.44
C ASN A 56 -13.23 3.39 15.96
N VAL A 57 -14.04 2.77 15.11
CA VAL A 57 -15.39 2.32 15.48
C VAL A 57 -15.57 0.90 14.96
N VAL A 58 -16.09 0.01 15.79
CA VAL A 58 -16.44 -1.34 15.33
C VAL A 58 -17.78 -1.24 14.63
N GLU A 59 -17.78 -1.43 13.31
CA GLU A 59 -18.95 -1.23 12.47
C GLU A 59 -19.62 -2.52 12.02
N GLY A 60 -18.97 -3.67 12.18
CA GLY A 60 -19.63 -4.95 12.01
C GLY A 60 -19.09 -5.83 10.91
N ASN A 61 -18.13 -5.38 10.09
CA ASN A 61 -17.57 -6.22 9.04
C ASN A 61 -16.09 -6.53 9.27
N GLU A 62 -15.54 -6.15 10.41
CA GLU A 62 -14.12 -6.34 10.67
C GLU A 62 -13.79 -7.80 10.97
N GLN A 63 -12.56 -8.17 10.63
CA GLN A 63 -11.91 -9.36 11.17
C GLN A 63 -10.55 -8.91 11.67
N PHE A 64 -10.25 -9.23 12.93
CA PHE A 64 -8.99 -8.88 13.55
C PHE A 64 -8.20 -10.18 13.72
N ILE A 65 -7.03 -10.27 13.08
CA ILE A 65 -6.23 -11.50 13.10
C ILE A 65 -4.77 -11.15 13.32
N SER A 66 -4.15 -11.76 14.32
CA SER A 66 -2.75 -11.49 14.61
C SER A 66 -1.85 -12.09 13.54
N ALA A 67 -0.71 -11.43 13.30
CA ALA A 67 0.31 -12.00 12.43
C ALA A 67 1.05 -13.11 13.13
N SER A 68 1.31 -14.20 12.41
CA SER A 68 2.13 -15.29 12.92
C SER A 68 3.58 -15.20 12.46
N LYS A 69 3.83 -14.55 11.33
CA LYS A 69 5.17 -14.45 10.77
C LYS A 69 5.19 -13.24 9.85
N SER A 70 6.30 -12.52 9.87
CA SER A 70 6.55 -11.47 8.89
C SER A 70 7.84 -11.79 8.17
N ILE A 71 7.87 -11.50 6.87
CA ILE A 71 9.03 -11.77 6.02
C ILE A 71 9.33 -10.51 5.23
N VAL A 72 10.34 -9.78 5.64
CA VAL A 72 10.86 -8.64 4.88
C VAL A 72 11.66 -9.16 3.70
N HIS A 73 11.56 -8.49 2.56
CA HIS A 73 12.30 -8.92 1.39
C HIS A 73 13.78 -9.09 1.72
N PRO A 74 14.43 -10.15 1.24
CA PRO A 74 15.84 -10.37 1.58
C PRO A 74 16.76 -9.21 1.21
N SER A 75 16.41 -8.45 0.18
CA SER A 75 17.27 -7.40 -0.34
C SER A 75 16.79 -6.00 0.03
N TYR A 76 15.85 -5.88 0.96
CA TYR A 76 15.38 -4.56 1.37
C TYR A 76 16.55 -3.74 1.91
N ASN A 77 16.66 -2.51 1.43
CA ASN A 77 17.63 -1.55 1.96
C ASN A 77 16.86 -0.38 2.53
N SER A 78 16.94 -0.19 3.85
CA SER A 78 16.15 0.83 4.52
C SER A 78 16.67 2.25 4.31
N ASN A 79 17.88 2.41 3.77
CA ASN A 79 18.37 3.74 3.45
C ASN A 79 17.85 4.23 2.11
N THR A 80 17.78 3.37 1.10
CA THR A 80 17.32 3.75 -0.23
C THR A 80 15.87 3.38 -0.48
N LEU A 81 15.31 2.52 0.35
CA LEU A 81 13.99 1.91 0.17
C LEU A 81 13.90 1.01 -1.05
N ASN A 82 15.03 0.60 -1.62
CA ASN A 82 14.99 -0.42 -2.66
C ASN A 82 14.46 -1.73 -2.09
N ASN A 83 13.56 -2.37 -2.84
CA ASN A 83 12.92 -3.62 -2.44
C ASN A 83 12.03 -3.44 -1.20
N ASP A 84 11.20 -2.40 -1.22
CA ASP A 84 10.36 -2.05 -0.08
C ASP A 84 9.07 -2.87 -0.10
N ILE A 85 9.20 -4.13 0.31
CA ILE A 85 8.10 -5.08 0.30
C ILE A 85 8.29 -6.09 1.41
N MET A 86 7.17 -6.52 2.01
CA MET A 86 7.18 -7.49 3.08
C MET A 86 5.88 -8.30 3.00
N LEU A 87 5.95 -9.55 3.42
CA LEU A 87 4.80 -10.42 3.52
C LEU A 87 4.48 -10.67 4.98
N ILE A 88 3.19 -10.75 5.30
CA ILE A 88 2.73 -11.03 6.65
C ILE A 88 1.76 -12.19 6.56
N LYS A 89 2.02 -13.25 7.33
CA LYS A 89 1.11 -14.39 7.40
C LYS A 89 0.17 -14.22 8.60
N LEU A 90 -1.11 -14.52 8.37
CA LEU A 90 -2.11 -14.43 9.43
C LEU A 90 -2.16 -15.73 10.23
N LYS A 91 -2.40 -15.60 11.54
CA LYS A 91 -2.47 -16.78 12.40
C LYS A 91 -3.60 -17.72 12.02
N SER A 92 -4.69 -17.18 11.47
CA SER A 92 -5.81 -17.97 10.98
C SER A 92 -6.24 -17.37 9.66
N ALA A 93 -6.92 -18.17 8.84
CA ALA A 93 -7.37 -17.71 7.54
C ALA A 93 -8.54 -16.72 7.70
N ALA A 94 -8.48 -15.61 6.97
CA ALA A 94 -9.61 -14.71 6.91
C ALA A 94 -10.79 -15.40 6.23
N SER A 95 -11.99 -15.04 6.66
CA SER A 95 -13.21 -15.47 6.00
C SER A 95 -13.47 -14.51 4.85
N LEU A 96 -13.38 -15.00 3.62
CA LEU A 96 -13.51 -14.13 2.46
C LEU A 96 -14.97 -13.95 2.09
N ASN A 97 -15.33 -12.72 1.74
CA ASN A 97 -16.69 -12.34 1.39
C ASN A 97 -16.62 -11.09 0.53
N SER A 98 -17.76 -10.46 0.27
CA SER A 98 -17.77 -9.30 -0.63
C SER A 98 -16.99 -8.12 -0.07
N ARG A 99 -16.85 -8.04 1.27
CA ARG A 99 -16.22 -6.91 1.94
C ARG A 99 -14.81 -7.23 2.43
N VAL A 100 -14.39 -8.49 2.38
CA VAL A 100 -13.04 -8.90 2.73
C VAL A 100 -12.63 -9.86 1.62
N ALA A 101 -11.76 -9.39 0.73
CA ALA A 101 -11.50 -10.11 -0.51
C ALA A 101 -10.05 -9.88 -0.90
N SER A 102 -9.44 -10.89 -1.50
CA SER A 102 -8.05 -10.75 -1.94
C SER A 102 -7.96 -9.97 -3.25
N ILE A 103 -6.82 -9.33 -3.46
CA ILE A 103 -6.51 -8.64 -4.71
C ILE A 103 -5.53 -9.49 -5.52
N SER A 104 -5.81 -9.60 -6.81
CA SER A 104 -4.97 -10.41 -7.70
C SER A 104 -3.58 -9.79 -7.85
N LEU A 105 -2.59 -10.65 -7.92
CA LEU A 105 -1.24 -10.21 -8.25
C LEU A 105 -1.13 -10.01 -9.75
N PRO A 106 -0.25 -9.12 -10.20
CA PRO A 106 -0.12 -8.88 -11.63
C PRO A 106 0.52 -10.06 -12.35
N THR A 107 0.09 -10.27 -13.59
CA THR A 107 0.80 -11.17 -14.50
C THR A 107 1.71 -10.41 -15.44
N SER A 108 1.51 -9.11 -15.56
CA SER A 108 2.33 -8.21 -16.35
C SER A 108 2.47 -6.91 -15.57
N CYS A 109 3.57 -6.21 -15.82
CA CYS A 109 3.74 -4.89 -15.25
C CYS A 109 2.81 -3.91 -15.97
N ALA A 110 2.45 -2.84 -15.28
CA ALA A 110 1.58 -1.82 -15.83
C ALA A 110 2.40 -0.69 -16.46
N SER A 111 1.82 -0.04 -17.45
CA SER A 111 2.48 1.00 -18.22
C SER A 111 2.12 2.38 -17.70
N ALA A 112 3.06 3.31 -17.89
CA ALA A 112 2.76 4.72 -17.68
C ALA A 112 1.45 5.09 -18.39
N GLY A 113 0.65 5.90 -17.71
CA GLY A 113 -0.64 6.32 -18.20
C GLY A 113 -1.79 5.50 -17.67
N THR A 114 -1.53 4.31 -17.15
CA THR A 114 -2.59 3.48 -16.59
C THR A 114 -3.16 4.15 -15.34
N GLN A 115 -4.48 4.18 -15.23
CA GLN A 115 -5.13 4.72 -14.05
C GLN A 115 -5.17 3.67 -12.94
N CYS A 116 -4.86 4.10 -11.73
CA CYS A 116 -4.83 3.22 -10.58
C CYS A 116 -5.60 3.84 -9.43
N LEU A 117 -5.93 3.01 -8.46
CA LEU A 117 -6.61 3.41 -7.24
C LEU A 117 -5.66 3.21 -6.06
N ILE A 118 -5.37 4.30 -5.36
CA ILE A 118 -4.52 4.30 -4.17
C ILE A 118 -5.41 4.61 -2.98
N SER A 119 -5.21 3.90 -1.87
CA SER A 119 -6.11 4.05 -0.75
C SER A 119 -5.37 3.96 0.58
N GLY A 120 -5.95 4.55 1.62
CA GLY A 120 -5.37 4.45 2.94
C GLY A 120 -5.99 5.41 3.93
N TRP A 121 -5.50 5.28 5.16
CA TRP A 121 -5.90 6.09 6.32
C TRP A 121 -4.84 7.11 6.70
N GLY A 122 -3.96 7.47 5.77
CA GLY A 122 -2.91 8.41 6.06
C GLY A 122 -3.40 9.86 6.12
N ASN A 123 -2.44 10.73 6.44
CA ASN A 123 -2.68 12.16 6.55
C ASN A 123 -3.35 12.69 5.29
N THR A 124 -4.33 13.57 5.47
CA THR A 124 -5.04 14.20 4.36
C THR A 124 -4.57 15.62 4.07
N LYS A 125 -3.59 16.14 4.79
CA LYS A 125 -3.10 17.49 4.56
C LYS A 125 -1.64 17.46 4.12
N SER A 126 -1.31 18.33 3.16
CA SER A 126 0.07 18.45 2.67
C SER A 126 0.90 19.41 3.50
N SER A 127 0.25 20.41 4.10
CA SER A 127 0.85 21.24 5.13
C SER A 127 -0.09 21.20 6.33
N GLY A 128 0.42 20.79 7.47
CA GLY A 128 -0.43 20.45 8.59
C GLY A 128 -0.73 18.97 8.61
N THR A 129 -1.53 18.57 9.61
CA THR A 129 -1.78 17.15 9.84
C THR A 129 -3.22 16.93 10.24
N SER A 130 -3.88 16.01 9.56
CA SER A 130 -5.23 15.58 9.92
C SER A 130 -5.37 14.14 9.46
N TYR A 131 -5.66 13.25 10.41
CA TYR A 131 -5.76 11.85 10.10
C TYR A 131 -7.21 11.42 10.09
N PRO A 132 -7.67 10.80 9.00
CA PRO A 132 -9.07 10.44 8.86
C PRO A 132 -9.39 9.17 9.62
N ASP A 133 -10.67 9.01 9.91
CA ASP A 133 -11.14 7.76 10.46
C ASP A 133 -11.54 6.77 9.38
N VAL A 134 -12.13 7.25 8.29
CA VAL A 134 -12.64 6.40 7.24
C VAL A 134 -11.66 6.36 6.08
N LEU A 135 -11.77 5.30 5.29
CA LEU A 135 -10.78 5.04 4.25
C LEU A 135 -10.90 6.06 3.13
N LYS A 136 -9.76 6.60 2.70
CA LYS A 136 -9.67 7.56 1.62
C LYS A 136 -9.09 6.91 0.37
N CYS A 137 -9.48 7.44 -0.77
CA CYS A 137 -9.14 6.92 -2.08
C CYS A 137 -8.64 8.03 -2.98
N LEU A 138 -7.81 7.65 -3.94
CA LEU A 138 -7.31 8.58 -4.95
C LEU A 138 -7.12 7.82 -6.25
N LYS A 139 -7.69 8.34 -7.33
CA LYS A 139 -7.39 7.83 -8.66
C LYS A 139 -6.20 8.60 -9.21
N ALA A 140 -5.20 7.88 -9.69
CA ALA A 140 -3.98 8.52 -10.14
C ALA A 140 -3.33 7.69 -11.23
N PRO A 141 -2.71 8.34 -12.21
CA PRO A 141 -2.02 7.60 -13.27
C PRO A 141 -0.57 7.29 -12.92
N ILE A 142 -0.11 6.14 -13.42
CA ILE A 142 1.31 5.85 -13.39
C ILE A 142 2.04 6.85 -14.28
N LEU A 143 3.15 7.37 -13.79
CA LEU A 143 3.96 8.31 -14.55
C LEU A 143 5.10 7.58 -15.25
N SER A 144 5.59 8.20 -16.32
CA SER A 144 6.70 7.61 -17.07
C SER A 144 7.92 7.48 -16.19
N ASP A 145 8.73 6.45 -16.48
CA ASP A 145 9.99 6.27 -15.76
C ASP A 145 10.87 7.51 -15.89
N SER A 146 10.89 8.13 -17.07
CA SER A 146 11.75 9.30 -17.24
C SER A 146 11.29 10.47 -16.38
N SER A 147 9.98 10.72 -16.30
CA SER A 147 9.53 11.81 -15.43
C SER A 147 9.76 11.48 -13.96
N CYS A 148 9.63 10.20 -13.59
CA CYS A 148 9.90 9.80 -12.21
C CYS A 148 11.35 10.06 -11.85
N LYS A 149 12.28 9.62 -12.71
CA LYS A 149 13.70 9.82 -12.46
C LYS A 149 14.07 11.29 -12.47
N SER A 150 13.43 12.08 -13.34
CA SER A 150 13.72 13.51 -13.35
C SER A 150 13.22 14.18 -12.07
N ALA A 151 12.10 13.70 -11.52
CA ALA A 151 11.58 14.25 -10.28
C ALA A 151 12.49 13.93 -9.10
N TYR A 152 13.13 12.76 -9.12
CA TYR A 152 13.94 12.29 -8.00
C TYR A 152 15.29 11.82 -8.52
N PRO A 153 16.14 12.75 -8.94
CA PRO A 153 17.48 12.36 -9.41
C PRO A 153 18.19 11.47 -8.41
N GLY A 154 18.77 10.38 -8.92
CA GLY A 154 19.61 9.50 -8.16
C GLY A 154 18.90 8.57 -7.21
N GLN A 155 17.56 8.48 -7.25
N GLN A 155 17.56 8.47 -7.24
CA GLN A 155 16.83 7.74 -6.24
CA GLN A 155 16.87 7.69 -6.22
C GLN A 155 15.88 6.67 -6.75
C GLN A 155 15.73 6.80 -6.72
N ILE A 156 15.52 6.67 -8.02
CA ILE A 156 14.51 5.75 -8.54
C ILE A 156 15.20 4.51 -9.09
N THR A 157 14.93 3.35 -8.50
CA THR A 157 15.47 2.11 -9.01
C THR A 157 14.45 1.41 -9.89
N SER A 158 14.89 0.31 -10.50
CA SER A 158 14.01 -0.49 -11.33
C SER A 158 12.89 -1.17 -10.55
N ASN A 159 12.92 -1.08 -9.22
CA ASN A 159 11.89 -1.64 -8.36
C ASN A 159 10.90 -0.59 -7.86
N MET A 160 10.88 0.57 -8.50
CA MET A 160 10.05 1.69 -8.08
C MET A 160 9.38 2.30 -9.28
N PHE A 161 8.19 2.87 -9.06
CA PHE A 161 7.55 3.71 -10.05
C PHE A 161 6.86 4.88 -9.36
N CYS A 162 6.65 5.94 -10.11
CA CYS A 162 5.91 7.10 -9.63
C CYS A 162 4.48 7.05 -10.15
N ALA A 163 3.57 7.57 -9.34
CA ALA A 163 2.19 7.73 -9.76
C ALA A 163 1.65 8.98 -9.11
N GLY A 164 0.75 9.65 -9.79
CA GLY A 164 0.20 10.88 -9.25
C GLY A 164 0.19 12.01 -10.24
N TYR A 165 0.48 13.21 -9.75
CA TYR A 165 0.20 14.45 -10.46
C TYR A 165 1.37 15.40 -10.22
N LEU A 166 2.12 15.72 -11.27
CA LEU A 166 3.27 16.60 -11.12
C LEU A 166 2.89 18.01 -10.67
N GLU A 167 1.64 18.42 -10.90
CA GLU A 167 1.21 19.72 -10.43
C GLU A 167 1.01 19.79 -8.92
N GLY A 168 1.02 18.65 -8.24
CA GLY A 168 0.80 18.61 -6.80
C GLY A 168 -0.67 18.59 -6.44
N GLY A 169 -0.93 18.44 -5.14
CA GLY A 169 -2.27 18.50 -4.61
C GLY A 169 -2.94 17.16 -4.37
N LYS A 170 -2.45 16.08 -5.00
CA LYS A 170 -3.07 14.76 -4.89
C LYS A 170 -1.97 13.73 -4.71
N ASP A 171 -1.99 13.00 -3.60
CA ASP A 171 -0.87 12.11 -3.33
C ASP A 171 -1.22 11.19 -2.16
N SER A 172 -0.43 10.14 -2.00
CA SER A 172 -0.44 9.41 -0.74
C SER A 172 0.42 10.17 0.28
N CYS A 173 0.30 9.80 1.56
CA CYS A 173 0.99 10.54 2.61
C CYS A 173 1.26 9.61 3.79
N GLN A 174 1.86 10.18 4.84
CA GLN A 174 2.19 9.43 6.05
C GLN A 174 0.98 8.66 6.58
N GLY A 175 1.18 7.36 6.81
CA GLY A 175 0.11 6.49 7.26
C GLY A 175 -0.55 5.69 6.16
N ASP A 176 -0.36 6.09 4.90
CA ASP A 176 -0.78 5.30 3.76
C ASP A 176 0.24 4.21 3.43
N SER A 177 1.47 4.38 3.93
CA SER A 177 2.59 3.44 3.78
C SER A 177 2.11 2.01 3.82
N GLY A 178 2.59 1.21 2.86
CA GLY A 178 2.29 -0.20 2.82
C GLY A 178 1.02 -0.56 2.10
N GLY A 179 0.16 0.42 1.81
CA GLY A 179 -1.12 0.15 1.20
C GLY A 179 -1.04 -0.04 -0.30
N PRO A 180 -2.20 -0.29 -0.89
CA PRO A 180 -2.29 -0.73 -2.29
C PRO A 180 -2.33 0.39 -3.32
N VAL A 181 -1.76 0.06 -4.48
CA VAL A 181 -1.99 0.75 -5.74
C VAL A 181 -2.53 -0.31 -6.69
N VAL A 182 -3.80 -0.21 -7.05
CA VAL A 182 -4.47 -1.23 -7.84
C VAL A 182 -4.84 -0.64 -9.19
N CYS A 183 -4.50 -1.35 -10.26
CA CYS A 183 -4.72 -0.89 -11.61
C CYS A 183 -5.37 -2.03 -12.39
N SER A 184 -6.53 -1.78 -12.97
CA SER A 184 -7.25 -2.80 -13.72
C SER A 184 -7.43 -4.09 -12.89
N GLY A 185 -7.68 -3.92 -11.60
CA GLY A 185 -7.95 -5.04 -10.74
C GLY A 185 -6.74 -5.86 -10.32
N LYS A 186 -5.54 -5.33 -10.48
CA LYS A 186 -4.31 -6.02 -10.09
C LYS A 186 -3.51 -5.12 -9.17
N LEU A 187 -2.83 -5.74 -8.20
CA LEU A 187 -1.97 -5.00 -7.26
C LEU A 187 -0.64 -4.69 -7.95
N GLN A 188 -0.49 -3.46 -8.43
CA GLN A 188 0.74 -3.09 -9.12
C GLN A 188 1.73 -2.33 -8.24
N GLY A 189 1.27 -1.71 -7.16
CA GLY A 189 2.17 -0.92 -6.34
C GLY A 189 1.86 -1.05 -4.86
N ILE A 190 2.86 -0.67 -4.06
CA ILE A 190 2.76 -0.53 -2.62
C ILE A 190 3.21 0.88 -2.27
N VAL A 191 2.45 1.58 -1.44
CA VAL A 191 2.83 2.92 -1.02
C VAL A 191 4.16 2.86 -0.30
N SER A 192 5.17 3.54 -0.86
CA SER A 192 6.54 3.41 -0.37
C SER A 192 7.09 4.72 0.18
N TRP A 193 7.29 5.75 -0.65
CA TRP A 193 7.91 6.97 -0.15
C TRP A 193 7.61 8.15 -1.08
N GLY A 194 8.00 9.33 -0.61
CA GLY A 194 7.96 10.54 -1.42
C GLY A 194 8.65 11.65 -0.65
N SER A 195 8.84 12.79 -1.32
CA SER A 195 9.37 13.98 -0.67
C SER A 195 8.20 14.82 -0.18
N GLY A 196 7.92 14.79 1.12
CA GLY A 196 6.68 15.41 1.55
C GLY A 196 5.50 14.67 0.92
N CYS A 197 4.36 15.36 0.87
CA CYS A 197 3.15 14.82 0.25
C CYS A 197 2.51 15.88 -0.63
N ALA A 198 2.12 15.48 -1.83
CA ALA A 198 1.33 16.33 -2.72
C ALA A 198 2.07 17.59 -3.14
N GLN A 199 3.40 17.58 -3.06
CA GLN A 199 4.20 18.73 -3.49
C GLN A 199 4.37 18.73 -5.00
N LYS A 200 4.44 19.93 -5.56
CA LYS A 200 4.69 20.06 -6.99
C LYS A 200 6.00 19.35 -7.35
N ASN A 201 5.95 18.61 -8.45
CA ASN A 201 7.09 17.90 -9.03
C ASN A 201 7.63 16.78 -8.15
N LYS A 202 6.90 16.37 -7.13
CA LYS A 202 7.34 15.32 -6.20
C LYS A 202 6.20 14.31 -6.01
N PRO A 203 5.94 13.50 -7.03
CA PRO A 203 4.86 12.52 -6.94
C PRO A 203 5.24 11.39 -5.99
N GLY A 204 4.23 10.64 -5.58
CA GLY A 204 4.50 9.47 -4.76
C GLY A 204 5.29 8.42 -5.50
N VAL A 205 6.10 7.68 -4.75
CA VAL A 205 6.91 6.59 -5.25
C VAL A 205 6.40 5.29 -4.63
N TYR A 206 6.34 4.25 -5.46
CA TYR A 206 5.64 3.02 -5.15
C TYR A 206 6.52 1.82 -5.49
N THR A 207 6.46 0.79 -4.66
CA THR A 207 7.17 -0.45 -4.96
C THR A 207 6.52 -1.13 -6.15
N LYS A 208 7.34 -1.58 -7.09
CA LYS A 208 6.86 -2.15 -8.36
C LYS A 208 6.60 -3.64 -8.14
N VAL A 209 5.34 -3.96 -7.78
CA VAL A 209 4.96 -5.30 -7.34
C VAL A 209 5.23 -6.36 -8.39
N CYS A 210 5.08 -6.04 -9.68
CA CYS A 210 5.25 -7.07 -10.70
C CYS A 210 6.63 -7.71 -10.64
N ASN A 211 7.64 -6.99 -10.13
CA ASN A 211 8.98 -7.55 -10.03
C ASN A 211 9.08 -8.61 -8.95
N TYR A 212 8.09 -8.73 -8.07
CA TYR A 212 8.16 -9.55 -6.87
C TYR A 212 7.22 -10.73 -6.89
N VAL A 213 6.48 -10.93 -7.97
CA VAL A 213 5.46 -11.98 -7.99
C VAL A 213 6.06 -13.35 -7.76
N SER A 214 7.19 -13.64 -8.41
CA SER A 214 7.81 -14.95 -8.21
C SER A 214 8.23 -15.15 -6.76
N TRP A 215 8.84 -14.12 -6.15
CA TRP A 215 9.23 -14.22 -4.75
C TRP A 215 8.01 -14.40 -3.85
N ILE A 216 6.95 -13.64 -4.11
CA ILE A 216 5.74 -13.79 -3.30
C ILE A 216 5.21 -15.21 -3.38
N LYS A 217 5.05 -15.73 -4.59
CA LYS A 217 4.46 -17.05 -4.75
C LYS A 217 5.32 -18.13 -4.13
N GLN A 218 6.63 -18.08 -4.35
CA GLN A 218 7.48 -19.13 -3.79
C GLN A 218 7.56 -19.02 -2.27
N THR A 219 7.56 -17.81 -1.74
CA THR A 219 7.55 -17.64 -0.28
C THR A 219 6.28 -18.23 0.31
N ILE A 220 5.12 -17.89 -0.26
CA ILE A 220 3.87 -18.44 0.25
C ILE A 220 3.86 -19.96 0.16
N ALA A 221 4.38 -20.52 -0.94
CA ALA A 221 4.34 -21.96 -1.15
C ALA A 221 5.14 -22.74 -0.11
N SER A 222 6.08 -22.10 0.58
CA SER A 222 6.92 -22.80 1.55
C SER A 222 6.79 -22.26 2.96
N ASN A 223 5.82 -21.39 3.23
CA ASN A 223 5.66 -20.81 4.56
C ASN A 223 4.23 -20.86 5.04
CA CA B . -13.91 -0.33 12.25
C1 ANL C . 4.22 9.14 0.32
C2 ANL C . 4.31 7.81 0.73
C3 ANL C . 4.69 7.50 2.03
C4 ANL C . 4.96 8.50 2.93
C5 ANL C . 4.88 9.81 2.54
C6 ANL C . 4.51 10.14 1.25
N ANL C . 3.85 9.47 -0.96
H2 ANL C . 4.12 7.13 0.11
H3 ANL C . 4.75 6.59 2.29
H4 ANL C . 5.22 8.28 3.82
H5 ANL C . 5.07 10.50 3.17
H6 ANL C . 4.45 11.04 0.99
HN1 ANL C . 3.66 8.83 -1.54
HN2 ANL C . 3.79 10.31 -1.20
C1 ANL D . 19.12 -2.29 4.87
C2 ANL D . 20.08 -3.08 4.23
C3 ANL D . 21.36 -2.61 3.99
C4 ANL D . 21.70 -1.33 4.39
C5 ANL D . 20.76 -0.54 5.01
C6 ANL D . 19.49 -1.00 5.25
N ANL D . 17.85 -2.74 5.11
H2 ANL D . 19.85 -3.96 3.97
H3 ANL D . 21.99 -3.16 3.56
H4 ANL D . 22.57 -1.01 4.22
H5 ANL D . 21.00 0.33 5.27
H6 ANL D . 18.85 -0.45 5.68
HN1 ANL D . 17.63 -3.56 4.87
HN2 ANL D . 17.27 -2.23 5.51
S DMS E . 19.26 8.73 -12.17
O DMS E . 19.64 7.95 -10.95
C1 DMS E . 19.14 10.48 -11.75
C2 DMS E . 17.56 8.31 -12.60
H11 DMS E . 19.31 11.06 -12.62
H12 DMS E . 19.85 10.72 -11.01
H13 DMS E . 18.16 10.68 -11.39
H21 DMS E . 17.46 8.28 -13.65
H22 DMS E . 16.91 9.04 -12.20
H23 DMS E . 17.32 7.37 -12.19
S DMS F . 13.76 6.89 0.51
O DMS F . 13.10 8.19 0.85
C1 DMS F . 15.36 6.88 1.35
C2 DMS F . 14.37 6.97 -1.19
H11 DMS F . 16.11 7.18 0.68
H12 DMS F . 15.56 5.89 1.69
H13 DMS F . 15.32 7.53 2.18
H21 DMS F . 15.31 7.47 -1.21
H22 DMS F . 13.68 7.51 -1.79
H23 DMS F . 14.49 6.00 -1.58
S DMS G . 16.59 -8.11 6.19
O DMS G . 16.42 -6.87 5.38
C1 DMS G . 18.13 -8.86 5.79
C2 DMS G . 15.41 -9.32 5.54
H11 DMS G . 18.18 -9.81 6.24
H12 DMS G . 18.91 -8.24 6.13
H13 DMS G . 18.19 -8.97 4.73
H21 DMS G . 15.41 -10.19 6.14
H22 DMS G . 15.67 -9.58 4.54
H23 DMS G . 14.44 -8.89 5.54
C1 ANL H . -0.56 -17.61 -5.24
C2 ANL H . -0.02 -16.95 -4.13
C3 ANL H . -0.60 -15.80 -3.65
C4 ANL H . -1.72 -15.27 -4.25
C5 ANL H . -2.27 -15.91 -5.34
C6 ANL H . -1.69 -17.07 -5.83
N ANL H . 0.01 -18.76 -5.72
H2 ANL H . 0.75 -17.30 -3.71
H3 ANL H . -0.23 -15.36 -2.90
H4 ANL H . -2.12 -14.48 -3.93
H5 ANL H . -3.03 -15.55 -5.76
H6 ANL H . -2.07 -17.50 -6.59
HN1 ANL H . 0.73 -19.09 -5.33
HN2 ANL H . -0.34 -19.16 -6.41
#